data_3CL6
#
_entry.id   3CL6
#
_cell.length_a   98.299
_cell.length_b   98.299
_cell.length_c   62.393
_cell.angle_alpha   90.00
_cell.angle_beta   90.00
_cell.angle_gamma   90.00
#
_symmetry.space_group_name_H-M   'P 4'
#
loop_
_entity.id
_entity.type
_entity.pdbx_description
1 polymer 'Puue allantoinase'
2 water water
#
_entity_poly.entity_id   1
_entity_poly.type   'polypeptide(L)'
_entity_poly.pdbx_seq_one_letter_code
;MSVDYPRDLIGYGSNPPHPHWPGKARIALSFVLNYEEGGERNILHGDKESEAFLSEMVSAQPLQGERNMSMESLYEYGSR
AGVWRILKLFKAFDIPLTIFAVAMAAQRHPDVIRAMVAAGHEICSHGYRWIDYQYMDEAQEREHMLEAIRILTELTGERP
LGWYTGRTGPNTRRLVMEEGGFLYDCDTYDDDLPYWEPNNPTGKPHLVIPYTLDTNDMRFTQVQGFNKGDDFFEYLKDAF
DVLYAEGAEAPKMLSIGLHCRLIGRPARLAALQRFIEYAKSHEQVWFTRRVDIARHWHATHPYTGAAK
;
_entity_poly.pdbx_strand_id   A,B
#
# COMPACT_ATOMS: atom_id res chain seq x y z
N VAL A 3 -12.34 -10.31 -44.03
CA VAL A 3 -13.00 -9.59 -42.90
C VAL A 3 -12.04 -9.44 -41.72
N ASP A 4 -11.78 -8.20 -41.32
CA ASP A 4 -10.94 -7.92 -40.16
C ASP A 4 -11.76 -7.35 -39.00
N TYR A 5 -12.34 -8.24 -38.20
CA TYR A 5 -13.26 -7.85 -37.14
C TYR A 5 -12.53 -7.31 -35.90
N PRO A 6 -12.64 -5.99 -35.68
CA PRO A 6 -11.87 -5.29 -34.65
C PRO A 6 -12.21 -5.65 -33.18
N ARG A 7 -13.40 -6.19 -32.93
CA ARG A 7 -13.79 -6.51 -31.56
C ARG A 7 -13.25 -7.87 -31.14
N ASP A 8 -12.86 -7.98 -29.87
CA ASP A 8 -12.48 -9.28 -29.33
C ASP A 8 -13.64 -9.87 -28.51
N LEU A 9 -14.39 -10.79 -29.10
CA LEU A 9 -15.58 -11.36 -28.47
C LEU A 9 -15.22 -12.54 -27.57
N ILE A 10 -13.98 -13.02 -27.70
CA ILE A 10 -13.54 -14.24 -27.03
C ILE A 10 -12.77 -14.04 -25.74
N GLY A 11 -11.82 -13.09 -25.74
CA GLY A 11 -11.09 -12.79 -24.52
C GLY A 11 -10.27 -13.98 -24.06
N TYR A 12 -10.39 -14.31 -22.78
CA TYR A 12 -9.64 -15.46 -22.21
C TYR A 12 -10.34 -16.78 -22.51
N GLY A 13 -11.49 -16.72 -23.16
CA GLY A 13 -12.29 -17.93 -23.37
C GLY A 13 -12.58 -18.63 -22.05
N SER A 14 -12.51 -19.96 -22.04
CA SER A 14 -12.86 -20.71 -20.83
C SER A 14 -11.68 -20.76 -19.86
N ASN A 15 -10.60 -20.11 -20.14
CA ASN A 15 -9.40 -20.20 -19.29
C ASN A 15 -8.90 -18.86 -18.79
N PRO A 16 -9.66 -18.23 -17.88
CA PRO A 16 -9.16 -16.97 -17.34
C PRO A 16 -7.95 -17.23 -16.44
N PRO A 17 -6.99 -16.29 -16.41
CA PRO A 17 -5.80 -16.48 -15.57
C PRO A 17 -6.09 -16.28 -14.09
N HIS A 18 -5.30 -16.90 -13.24
CA HIS A 18 -5.38 -16.68 -11.79
C HIS A 18 -4.59 -15.40 -11.50
N PRO A 19 -5.24 -14.42 -10.85
CA PRO A 19 -4.60 -13.12 -10.59
C PRO A 19 -3.61 -13.12 -9.43
N HIS A 20 -3.61 -14.19 -8.63
CA HIS A 20 -2.78 -14.28 -7.42
C HIS A 20 -2.78 -12.97 -6.61
N TRP A 21 -3.96 -12.48 -6.25
CA TRP A 21 -4.06 -11.25 -5.49
C TRP A 21 -3.30 -11.37 -4.18
N PRO A 22 -2.75 -10.25 -3.68
CA PRO A 22 -2.07 -10.22 -2.39
C PRO A 22 -2.93 -10.75 -1.22
N GLY A 23 -2.27 -11.32 -0.22
CA GLY A 23 -2.96 -11.86 0.96
C GLY A 23 -3.86 -13.04 0.62
N LYS A 24 -3.54 -13.74 -0.46
CA LYS A 24 -4.30 -14.91 -0.90
C LYS A 24 -5.79 -14.59 -1.14
N ALA A 25 -6.07 -13.37 -1.57
CA ALA A 25 -7.45 -12.90 -1.63
C ALA A 25 -8.32 -13.69 -2.62
N ARG A 26 -9.55 -13.98 -2.24
CA ARG A 26 -10.46 -14.67 -3.13
C ARG A 26 -11.19 -13.69 -4.04
N ILE A 27 -11.08 -12.41 -3.73
CA ILE A 27 -11.72 -11.37 -4.53
C ILE A 27 -10.97 -10.07 -4.31
N ALA A 28 -10.89 -9.25 -5.34
CA ALA A 28 -10.34 -7.90 -5.21
C ALA A 28 -11.49 -6.94 -5.44
N LEU A 29 -11.60 -5.95 -4.54
CA LEU A 29 -12.63 -4.92 -4.65
C LEU A 29 -12.00 -3.58 -4.94
N SER A 30 -12.52 -2.93 -5.97
CA SER A 30 -12.11 -1.59 -6.32
C SER A 30 -13.30 -0.65 -6.18
N PHE A 31 -13.32 0.11 -5.08
CA PHE A 31 -14.28 1.20 -4.91
C PHE A 31 -13.75 2.44 -5.64
N VAL A 32 -14.63 3.04 -6.41
CA VAL A 32 -14.27 4.18 -7.26
C VAL A 32 -15.23 5.32 -6.96
N LEU A 33 -14.67 6.49 -6.69
CA LEU A 33 -15.47 7.67 -6.48
C LEU A 33 -15.26 8.62 -7.64
N ASN A 34 -16.32 8.88 -8.39
CA ASN A 34 -16.27 9.84 -9.48
C ASN A 34 -16.35 11.26 -8.92
N TYR A 35 -15.52 12.15 -9.45
CA TYR A 35 -15.64 13.56 -9.06
C TYR A 35 -15.83 14.39 -10.32
N GLU A 36 -17.09 14.72 -10.60
CA GLU A 36 -17.50 15.31 -11.87
C GLU A 36 -18.11 16.68 -11.67
N GLU A 37 -18.48 16.98 -10.42
CA GLU A 37 -19.24 18.18 -10.11
C GLU A 37 -18.42 19.46 -10.34
N GLY A 38 -18.91 20.31 -11.24
CA GLY A 38 -18.17 21.51 -11.64
C GLY A 38 -17.53 21.34 -13.01
N GLY A 39 -17.66 20.16 -13.60
CA GLY A 39 -17.14 19.92 -14.94
C GLY A 39 -18.17 19.38 -15.91
N GLU A 40 -19.45 19.36 -15.50
CA GLU A 40 -20.53 18.81 -16.32
C GLU A 40 -21.01 19.84 -17.36
N ARG A 41 -21.99 19.49 -18.18
CA ARG A 41 -22.46 20.44 -19.17
C ARG A 41 -23.02 21.69 -18.47
N ASN A 42 -22.64 22.87 -18.96
CA ASN A 42 -23.18 24.13 -18.48
C ASN A 42 -22.84 25.25 -19.48
N ILE A 43 -23.77 26.13 -19.80
CA ILE A 43 -23.41 27.23 -20.72
C ILE A 43 -22.32 28.11 -20.11
N LEU A 44 -22.18 28.08 -18.78
CA LEU A 44 -21.09 28.79 -18.12
C LEU A 44 -19.73 28.22 -18.52
N HIS A 45 -19.70 26.93 -18.83
CA HIS A 45 -18.46 26.26 -19.21
C HIS A 45 -18.20 26.35 -20.72
N GLY A 46 -19.12 26.97 -21.44
CA GLY A 46 -18.99 27.13 -22.90
C GLY A 46 -19.79 26.14 -23.71
N ASP A 47 -20.47 25.21 -23.03
CA ASP A 47 -21.29 24.21 -23.71
C ASP A 47 -22.53 24.86 -24.31
N LYS A 48 -23.18 24.14 -25.22
CA LYS A 48 -24.38 24.64 -25.91
C LYS A 48 -25.67 24.42 -25.11
N GLU A 49 -25.58 23.66 -24.02
CA GLU A 49 -26.78 23.25 -23.30
C GLU A 49 -26.48 22.87 -21.85
N SER A 50 -27.54 22.72 -21.07
CA SER A 50 -27.43 22.36 -19.66
C SER A 50 -27.32 20.85 -19.54
N GLU A 51 -26.90 20.38 -18.36
CA GLU A 51 -26.72 18.96 -18.07
C GLU A 51 -28.07 18.24 -17.88
N ALA A 52 -28.14 16.97 -18.27
CA ALA A 52 -29.35 16.19 -17.97
C ALA A 52 -29.11 14.78 -17.40
N PHE A 53 -27.86 14.34 -17.40
CA PHE A 53 -27.50 12.96 -17.06
C PHE A 53 -27.19 12.84 -15.56
N LEU A 54 -27.71 11.79 -14.92
CA LEU A 54 -27.39 11.43 -13.52
C LEU A 54 -27.70 12.46 -12.41
N SER A 55 -28.99 12.73 -12.22
CA SER A 55 -29.47 13.59 -11.14
C SER A 55 -30.84 13.09 -10.67
N GLU A 56 -31.33 13.65 -9.57
CA GLU A 56 -32.67 13.32 -9.08
C GLU A 56 -33.78 13.69 -10.08
N MET A 57 -33.45 14.57 -11.02
CA MET A 57 -34.40 14.98 -12.04
C MET A 57 -34.32 13.97 -13.15
N VAL A 58 -34.94 12.84 -12.87
CA VAL A 58 -34.78 11.63 -13.66
C VAL A 58 -35.30 11.73 -15.11
N SER A 59 -36.16 12.71 -15.40
CA SER A 59 -36.65 12.87 -16.77
C SER A 59 -36.17 14.18 -17.40
N ALA A 60 -35.16 14.79 -16.79
CA ALA A 60 -34.56 16.00 -17.32
C ALA A 60 -34.04 15.82 -18.75
N GLN A 61 -34.16 16.88 -19.57
CA GLN A 61 -33.55 16.92 -20.89
C GLN A 61 -32.62 18.12 -20.95
N PRO A 62 -31.59 18.06 -21.80
CA PRO A 62 -30.73 19.25 -21.94
C PRO A 62 -31.54 20.45 -22.42
N LEU A 63 -31.23 21.63 -21.89
CA LEU A 63 -31.89 22.86 -22.31
C LEU A 63 -30.90 23.65 -23.17
N GLN A 64 -31.26 23.90 -24.42
CA GLN A 64 -30.34 24.57 -25.34
C GLN A 64 -30.18 26.03 -24.96
N GLY A 65 -28.95 26.45 -24.73
CA GLY A 65 -28.63 27.85 -24.43
C GLY A 65 -29.17 28.37 -23.13
N GLU A 66 -29.48 27.45 -22.21
CA GLU A 66 -30.08 27.79 -20.94
C GLU A 66 -29.31 27.19 -19.76
N ARG A 67 -29.43 27.86 -18.61
CA ARG A 67 -29.05 27.25 -17.34
C ARG A 67 -30.26 26.55 -16.73
N ASN A 68 -30.03 25.34 -16.24
CA ASN A 68 -31.02 24.61 -15.46
C ASN A 68 -30.64 24.75 -14.00
N MET A 69 -31.29 25.65 -13.27
CA MET A 69 -30.84 25.96 -11.93
C MET A 69 -30.96 24.77 -10.97
N SER A 70 -32.06 24.01 -11.05
CA SER A 70 -32.26 22.85 -10.17
CA SER A 70 -32.24 22.87 -10.15
C SER A 70 -31.17 21.81 -10.40
N MET A 71 -30.90 21.51 -11.67
CA MET A 71 -29.80 20.60 -12.03
C MET A 71 -28.48 21.08 -11.43
N GLU A 72 -28.18 22.36 -11.56
CA GLU A 72 -26.95 22.89 -11.01
C GLU A 72 -26.87 22.66 -9.51
N SER A 73 -28.00 22.89 -8.83
CA SER A 73 -28.06 22.76 -7.38
C SER A 73 -27.86 21.31 -6.92
N LEU A 74 -28.44 20.38 -7.68
CA LEU A 74 -28.25 18.95 -7.40
C LEU A 74 -26.79 18.54 -7.51
N TYR A 75 -26.09 19.07 -8.52
CA TYR A 75 -24.67 18.80 -8.69
C TYR A 75 -23.86 19.41 -7.54
N GLU A 76 -24.24 20.62 -7.15
CA GLU A 76 -23.60 21.28 -5.99
C GLU A 76 -23.69 20.49 -4.67
N TYR A 77 -24.76 19.70 -4.51
CA TYR A 77 -24.84 18.87 -3.31
C TYR A 77 -23.62 17.95 -3.24
N GLY A 78 -23.22 17.44 -4.40
CA GLY A 78 -22.09 16.53 -4.49
C GLY A 78 -20.80 17.13 -3.96
N SER A 79 -20.47 18.33 -4.43
CA SER A 79 -19.20 18.98 -4.06
C SER A 79 -19.26 19.67 -2.68
N ARG A 80 -20.46 20.14 -2.30
CA ARG A 80 -20.64 20.80 -0.99
C ARG A 80 -20.73 19.85 0.23
N ALA A 81 -21.46 18.75 0.05
CA ALA A 81 -21.89 17.91 1.17
C ALA A 81 -21.57 16.43 0.97
N GLY A 82 -21.91 15.89 -0.20
CA GLY A 82 -21.76 14.45 -0.40
C GLY A 82 -20.32 13.97 -0.32
N VAL A 83 -19.41 14.72 -0.94
CA VAL A 83 -18.01 14.28 -1.00
C VAL A 83 -17.41 14.05 0.40
N TRP A 84 -17.59 15.01 1.30
CA TRP A 84 -17.02 14.88 2.63
C TRP A 84 -17.59 13.69 3.38
N ARG A 85 -18.89 13.45 3.24
CA ARG A 85 -19.54 12.32 3.88
C ARG A 85 -18.96 10.99 3.38
N ILE A 86 -18.81 10.90 2.06
CA ILE A 86 -18.27 9.68 1.47
C ILE A 86 -16.81 9.43 1.88
N LEU A 87 -16.00 10.49 1.86
CA LEU A 87 -14.59 10.36 2.22
C LEU A 87 -14.43 9.89 3.66
N LYS A 88 -15.29 10.39 4.54
CA LYS A 88 -15.30 9.98 5.94
C LYS A 88 -15.62 8.49 6.09
N LEU A 89 -16.53 8.01 5.25
CA LEU A 89 -16.96 6.63 5.36
C LEU A 89 -15.79 5.72 5.03
N PHE A 90 -15.11 6.05 3.95
CA PHE A 90 -13.99 5.23 3.53
C PHE A 90 -12.82 5.32 4.51
N LYS A 91 -12.63 6.49 5.13
CA LYS A 91 -11.58 6.60 6.14
C LYS A 91 -11.91 5.75 7.37
N ALA A 92 -13.19 5.71 7.72
CA ALA A 92 -13.62 4.96 8.90
C ALA A 92 -13.38 3.46 8.80
N PHE A 93 -13.36 2.95 7.57
CA PHE A 93 -13.13 1.51 7.37
C PHE A 93 -11.76 1.24 6.75
N ASP A 94 -10.97 2.31 6.61
CA ASP A 94 -9.62 2.24 6.06
C ASP A 94 -9.56 1.56 4.69
N ILE A 95 -10.53 1.90 3.85
CA ILE A 95 -10.57 1.39 2.48
C ILE A 95 -10.07 2.49 1.54
N PRO A 96 -9.08 2.18 0.68
CA PRO A 96 -8.59 3.20 -0.24
C PRO A 96 -9.54 3.36 -1.42
N LEU A 97 -9.49 4.54 -2.03
CA LEU A 97 -10.30 4.85 -3.20
C LEU A 97 -9.43 5.12 -4.42
N THR A 98 -9.98 4.82 -5.59
CA THR A 98 -9.54 5.47 -6.83
C THR A 98 -10.53 6.55 -7.26
N ILE A 99 -10.03 7.78 -7.42
CA ILE A 99 -10.86 8.88 -7.86
C ILE A 99 -10.73 9.12 -9.37
N PHE A 100 -11.77 8.72 -10.11
CA PHE A 100 -11.99 9.25 -11.45
C PHE A 100 -12.32 10.74 -11.41
N ALA A 101 -11.29 11.57 -11.46
CA ALA A 101 -11.48 13.02 -11.35
C ALA A 101 -11.51 13.74 -12.69
N VAL A 102 -12.58 14.50 -12.93
CA VAL A 102 -12.67 15.34 -14.10
C VAL A 102 -11.84 16.60 -13.86
N ALA A 103 -10.96 16.92 -14.80
CA ALA A 103 -9.96 17.97 -14.58
C ALA A 103 -10.59 19.32 -14.29
N MET A 104 -11.60 19.69 -15.08
CA MET A 104 -12.29 20.96 -14.84
C MET A 104 -12.96 20.98 -13.46
N ALA A 105 -13.52 19.84 -13.04
CA ALA A 105 -14.11 19.76 -11.71
C ALA A 105 -13.07 19.94 -10.62
N ALA A 106 -11.94 19.25 -10.75
CA ALA A 106 -10.85 19.37 -9.80
C ALA A 106 -10.32 20.79 -9.70
N GLN A 107 -10.18 21.48 -10.83
CA GLN A 107 -9.72 22.87 -10.83
C GLN A 107 -10.64 23.73 -9.96
N ARG A 108 -11.94 23.46 -10.03
CA ARG A 108 -12.91 24.26 -9.27
C ARG A 108 -12.99 23.97 -7.77
N HIS A 109 -12.44 22.85 -7.34
CA HIS A 109 -12.38 22.59 -5.90
C HIS A 109 -11.05 21.94 -5.52
N PRO A 110 -9.97 22.70 -5.69
CA PRO A 110 -8.64 22.13 -5.47
C PRO A 110 -8.44 21.60 -4.04
N ASP A 111 -9.10 22.19 -3.05
CA ASP A 111 -8.90 21.72 -1.68
C ASP A 111 -9.42 20.30 -1.46
N VAL A 112 -10.54 19.93 -2.09
CA VAL A 112 -11.02 18.56 -1.88
C VAL A 112 -10.08 17.55 -2.56
N ILE A 113 -9.54 17.91 -3.73
CA ILE A 113 -8.57 17.07 -4.42
C ILE A 113 -7.31 16.92 -3.57
N ARG A 114 -6.82 18.02 -3.02
CA ARG A 114 -5.66 17.94 -2.15
C ARG A 114 -5.94 17.04 -0.95
N ALA A 115 -7.16 17.11 -0.43
CA ALA A 115 -7.57 16.30 0.71
C ALA A 115 -7.52 14.82 0.37
N MET A 116 -8.02 14.48 -0.82
CA MET A 116 -8.02 13.11 -1.33
C MET A 116 -6.58 12.58 -1.50
N VAL A 117 -5.68 13.44 -1.98
CA VAL A 117 -4.29 13.03 -2.19
C VAL A 117 -3.65 12.76 -0.82
N ALA A 118 -3.88 13.65 0.15
CA ALA A 118 -3.28 13.50 1.49
C ALA A 118 -3.78 12.22 2.19
N ALA A 119 -5.02 11.82 1.90
CA ALA A 119 -5.61 10.61 2.48
C ALA A 119 -5.07 9.34 1.83
N GLY A 120 -4.36 9.51 0.71
CA GLY A 120 -3.70 8.43 -0.01
C GLY A 120 -4.51 7.82 -1.14
N HIS A 121 -5.57 8.51 -1.53
CA HIS A 121 -6.37 8.00 -2.63
C HIS A 121 -5.66 8.25 -3.95
N GLU A 122 -5.92 7.39 -4.93
CA GLU A 122 -5.32 7.57 -6.23
C GLU A 122 -6.17 8.53 -7.04
N ILE A 123 -5.55 9.54 -7.64
CA ILE A 123 -6.25 10.40 -8.59
C ILE A 123 -6.05 9.87 -10.02
N CYS A 124 -7.11 9.32 -10.60
CA CYS A 124 -7.14 8.82 -11.97
C CYS A 124 -7.84 9.87 -12.84
N SER A 125 -7.43 10.00 -14.11
CA SER A 125 -8.08 10.99 -14.97
C SER A 125 -9.45 10.53 -15.47
N HIS A 126 -10.44 11.41 -15.32
CA HIS A 126 -11.78 11.16 -15.83
C HIS A 126 -12.10 12.15 -16.97
N GLY A 127 -11.04 12.63 -17.63
CA GLY A 127 -11.22 13.53 -18.76
C GLY A 127 -11.11 14.99 -18.35
N TYR A 128 -10.95 15.86 -19.36
CA TYR A 128 -10.91 17.30 -19.12
C TYR A 128 -12.30 17.83 -18.70
N ARG A 129 -13.32 17.38 -19.43
CA ARG A 129 -14.70 17.78 -19.20
C ARG A 129 -15.58 16.54 -19.03
N TRP A 130 -16.67 16.67 -18.28
CA TRP A 130 -17.63 15.55 -18.19
C TRP A 130 -18.70 15.69 -19.25
N ILE A 131 -18.35 15.27 -20.45
CA ILE A 131 -19.23 15.36 -21.62
C ILE A 131 -19.14 14.12 -22.49
N ASP A 132 -20.04 14.04 -23.46
CA ASP A 132 -20.09 12.89 -24.35
C ASP A 132 -19.12 13.13 -25.51
N TYR A 133 -18.16 12.22 -25.68
CA TYR A 133 -17.14 12.41 -26.72
C TYR A 133 -17.47 11.72 -28.05
N GLN A 134 -18.68 11.16 -28.17
CA GLN A 134 -19.06 10.40 -29.35
C GLN A 134 -18.73 11.10 -30.66
N TYR A 135 -19.06 12.39 -30.72
CA TYR A 135 -18.97 13.11 -31.99
C TYR A 135 -17.78 14.07 -32.09
N MET A 136 -16.92 14.10 -31.07
CA MET A 136 -15.80 15.04 -31.11
C MET A 136 -14.71 14.61 -32.06
N ASP A 137 -14.23 15.56 -32.85
CA ASP A 137 -13.07 15.37 -33.73
C ASP A 137 -11.84 14.91 -32.94
N GLU A 138 -11.03 14.08 -33.59
CA GLU A 138 -9.86 13.48 -32.97
C GLU A 138 -8.87 14.53 -32.46
N ALA A 139 -8.67 15.59 -33.25
CA ALA A 139 -7.79 16.68 -32.85
C ALA A 139 -8.23 17.31 -31.54
N GLN A 140 -9.52 17.56 -31.40
CA GLN A 140 -10.00 18.21 -30.19
C GLN A 140 -10.00 17.25 -29.01
N GLU A 141 -10.37 15.99 -29.24
CA GLU A 141 -10.34 15.04 -28.12
C GLU A 141 -8.94 14.84 -27.58
N ARG A 142 -7.96 14.72 -28.49
CA ARG A 142 -6.58 14.58 -28.07
C ARG A 142 -6.11 15.81 -27.30
N GLU A 143 -6.52 16.99 -27.75
CA GLU A 143 -6.18 18.23 -27.04
C GLU A 143 -6.77 18.27 -25.62
N HIS A 144 -8.03 17.87 -25.50
CA HIS A 144 -8.64 17.71 -24.18
C HIS A 144 -7.81 16.77 -23.29
N MET A 145 -7.40 15.63 -23.84
CA MET A 145 -6.68 14.63 -23.08
C MET A 145 -5.39 15.19 -22.48
N LEU A 146 -4.60 15.86 -23.31
CA LEU A 146 -3.34 16.41 -22.86
C LEU A 146 -3.56 17.50 -21.80
N GLU A 147 -4.62 18.28 -21.97
CA GLU A 147 -4.98 19.29 -20.98
C GLU A 147 -5.40 18.66 -19.65
N ALA A 148 -6.15 17.56 -19.71
CA ALA A 148 -6.52 16.88 -18.47
C ALA A 148 -5.28 16.46 -17.71
N ILE A 149 -4.29 15.92 -18.42
CA ILE A 149 -3.07 15.45 -17.79
C ILE A 149 -2.34 16.63 -17.18
N ARG A 150 -2.32 17.75 -17.90
CA ARG A 150 -1.61 18.93 -17.40
C ARG A 150 -2.17 19.40 -16.07
N ILE A 151 -3.48 19.62 -16.04
CA ILE A 151 -4.17 20.09 -14.86
C ILE A 151 -4.04 19.18 -13.65
N LEU A 152 -4.24 17.88 -13.86
CA LEU A 152 -4.15 16.92 -12.77
C LEU A 152 -2.73 16.77 -12.23
N THR A 153 -1.73 16.94 -13.10
CA THR A 153 -0.33 16.85 -12.69
C THR A 153 -0.02 18.02 -11.78
N GLU A 154 -0.41 19.22 -12.21
CA GLU A 154 -0.20 20.43 -11.45
C GLU A 154 -0.94 20.35 -10.11
N LEU A 155 -2.17 19.87 -10.16
CA LEU A 155 -2.98 19.84 -8.96
C LEU A 155 -2.54 18.76 -7.94
N THR A 156 -2.22 17.57 -8.42
CA THR A 156 -1.87 16.46 -7.52
C THR A 156 -0.38 16.35 -7.23
N GLY A 157 0.46 16.89 -8.10
CA GLY A 157 1.91 16.75 -7.96
C GLY A 157 2.53 15.67 -8.82
N GLU A 158 1.75 14.72 -9.31
CA GLU A 158 2.20 13.69 -10.24
C GLU A 158 1.16 13.44 -11.33
N ARG A 159 1.59 13.05 -12.51
CA ARG A 159 0.65 12.82 -13.60
C ARG A 159 -0.23 11.60 -13.32
N PRO A 160 -1.46 11.60 -13.85
CA PRO A 160 -2.33 10.44 -13.66
C PRO A 160 -1.81 9.25 -14.47
N LEU A 161 -1.98 8.05 -13.93
CA LEU A 161 -1.48 6.84 -14.59
C LEU A 161 -2.65 5.98 -15.07
N GLY A 162 -3.88 6.40 -14.75
CA GLY A 162 -5.06 5.73 -15.27
C GLY A 162 -5.98 6.72 -15.96
N TRP A 163 -6.87 6.19 -16.81
CA TRP A 163 -7.81 7.01 -17.59
C TRP A 163 -9.19 6.36 -17.68
N TYR A 164 -10.25 7.17 -17.56
CA TYR A 164 -11.61 6.71 -17.83
C TYR A 164 -12.46 7.90 -18.29
N THR A 165 -12.90 7.87 -19.54
CA THR A 165 -13.80 8.89 -20.07
C THR A 165 -15.25 8.64 -19.68
N GLY A 166 -15.68 7.39 -19.86
CA GLY A 166 -17.09 7.03 -19.67
C GLY A 166 -17.80 7.06 -21.02
N ARG A 167 -18.34 8.20 -21.39
CA ARG A 167 -19.01 8.35 -22.68
CA ARG A 167 -19.01 8.40 -22.68
C ARG A 167 -18.01 8.59 -23.82
N THR A 168 -17.34 7.52 -24.19
CA THR A 168 -16.32 7.50 -25.21
C THR A 168 -16.88 7.67 -26.62
N GLY A 169 -16.00 8.09 -27.54
CA GLY A 169 -16.27 7.96 -28.96
C GLY A 169 -15.37 6.88 -29.56
N PRO A 170 -15.44 6.70 -30.89
CA PRO A 170 -14.64 5.67 -31.58
C PRO A 170 -13.13 5.84 -31.47
N ASN A 171 -12.67 7.02 -31.07
CA ASN A 171 -11.21 7.28 -31.00
C ASN A 171 -10.59 7.32 -29.60
N THR A 172 -11.44 7.44 -28.58
CA THR A 172 -10.98 7.70 -27.21
C THR A 172 -9.86 6.78 -26.74
N ARG A 173 -10.12 5.47 -26.72
CA ARG A 173 -9.13 4.52 -26.20
C ARG A 173 -7.86 4.51 -27.02
N ARG A 174 -8.01 4.60 -28.34
CA ARG A 174 -6.84 4.65 -29.21
C ARG A 174 -5.94 5.82 -28.84
N LEU A 175 -6.55 6.98 -28.61
CA LEU A 175 -5.78 8.17 -28.22
C LEU A 175 -5.11 8.02 -26.85
N VAL A 176 -5.84 7.51 -25.89
CA VAL A 176 -5.28 7.25 -24.57
C VAL A 176 -4.04 6.37 -24.69
N MET A 177 -4.12 5.28 -25.45
CA MET A 177 -3.01 4.35 -25.50
C MET A 177 -1.86 4.95 -26.32
N GLU A 178 -2.20 5.78 -27.28
CA GLU A 178 -1.22 6.46 -28.12
C GLU A 178 -0.35 7.44 -27.33
N GLU A 179 -0.92 8.04 -26.28
CA GLU A 179 -0.22 9.05 -25.48
C GLU A 179 1.04 8.46 -24.82
N GLY A 180 0.96 7.20 -24.43
CA GLY A 180 2.13 6.49 -23.95
C GLY A 180 2.34 6.48 -22.44
N GLY A 181 1.75 7.42 -21.73
CA GLY A 181 2.09 7.67 -20.34
C GLY A 181 1.20 6.98 -19.32
N PHE A 182 0.12 6.35 -19.76
CA PHE A 182 -0.79 5.70 -18.84
C PHE A 182 -0.40 4.24 -18.60
N LEU A 183 -0.60 3.78 -17.38
CA LEU A 183 -0.42 2.35 -17.08
C LEU A 183 -1.66 1.56 -17.48
N TYR A 184 -2.84 2.19 -17.39
CA TYR A 184 -4.09 1.47 -17.62
C TYR A 184 -5.22 2.40 -18.03
N ASP A 185 -6.27 1.81 -18.59
CA ASP A 185 -7.53 2.55 -18.71
C ASP A 185 -8.68 1.64 -18.32
N CYS A 186 -9.85 2.25 -18.11
CA CYS A 186 -10.99 1.50 -17.57
C CYS A 186 -12.23 1.63 -18.44
N ASP A 187 -12.05 2.10 -19.67
CA ASP A 187 -13.16 2.37 -20.61
C ASP A 187 -13.66 1.10 -21.33
N THR A 188 -13.87 0.04 -20.55
CA THR A 188 -14.53 -1.18 -21.03
C THR A 188 -15.35 -1.81 -19.91
N TYR A 189 -16.28 -2.67 -20.29
CA TYR A 189 -17.19 -3.31 -19.36
C TYR A 189 -17.27 -4.77 -19.78
N ASP A 190 -16.13 -5.33 -20.15
CA ASP A 190 -16.09 -6.58 -20.94
C ASP A 190 -15.49 -7.80 -20.23
N ASP A 191 -15.08 -7.65 -18.99
CA ASP A 191 -14.51 -8.79 -18.28
C ASP A 191 -14.54 -8.60 -16.78
N ASP A 192 -14.19 -9.68 -16.05
CA ASP A 192 -14.14 -9.71 -14.59
C ASP A 192 -12.68 -9.67 -14.10
N LEU A 193 -11.75 -9.52 -15.04
CA LEU A 193 -10.32 -9.50 -14.77
C LEU A 193 -9.62 -8.47 -15.68
N PRO A 194 -8.49 -7.89 -15.22
CA PRO A 194 -7.69 -7.07 -16.14
C PRO A 194 -7.15 -7.92 -17.29
N TYR A 195 -6.83 -7.26 -18.40
CA TYR A 195 -6.12 -7.92 -19.50
C TYR A 195 -5.24 -6.92 -20.26
N TRP A 196 -4.18 -7.41 -20.91
CA TRP A 196 -3.39 -6.52 -21.76
C TRP A 196 -4.10 -6.20 -23.09
N GLU A 197 -4.18 -4.92 -23.42
CA GLU A 197 -4.79 -4.51 -24.69
C GLU A 197 -4.11 -5.24 -25.85
N PRO A 198 -4.89 -5.94 -26.69
CA PRO A 198 -4.35 -6.63 -27.86
C PRO A 198 -4.01 -5.70 -29.05
N ASN A 199 -4.55 -4.49 -29.05
CA ASN A 199 -4.31 -3.52 -30.11
C ASN A 199 -3.58 -2.25 -29.65
N ASN A 200 -2.31 -2.39 -29.29
CA ASN A 200 -1.51 -1.24 -28.90
C ASN A 200 -0.27 -1.14 -29.79
N PRO A 201 -0.36 -0.41 -30.92
CA PRO A 201 0.74 -0.33 -31.89
C PRO A 201 1.98 0.29 -31.25
N THR A 202 1.76 1.29 -30.41
CA THR A 202 2.80 1.79 -29.51
C THR A 202 3.72 0.66 -29.11
N GLY A 203 3.12 -0.51 -28.87
CA GLY A 203 3.90 -1.71 -28.55
C GLY A 203 4.15 -1.87 -27.08
N LYS A 204 4.16 -0.75 -26.35
CA LYS A 204 4.27 -0.77 -24.90
C LYS A 204 3.05 -1.51 -24.32
N PRO A 205 3.24 -2.23 -23.21
CA PRO A 205 2.07 -2.87 -22.61
C PRO A 205 1.11 -1.86 -22.01
N HIS A 206 -0.17 -1.99 -22.35
CA HIS A 206 -1.22 -1.15 -21.81
C HIS A 206 -2.26 -2.05 -21.19
N LEU A 207 -2.51 -1.87 -19.90
CA LEU A 207 -3.45 -2.73 -19.16
C LEU A 207 -4.87 -2.20 -19.24
N VAL A 208 -5.82 -3.12 -19.47
CA VAL A 208 -7.24 -2.78 -19.36
C VAL A 208 -7.79 -3.29 -18.04
N ILE A 209 -8.40 -2.41 -17.27
CA ILE A 209 -9.04 -2.83 -16.02
C ILE A 209 -10.53 -2.49 -16.16
N PRO A 210 -11.34 -3.47 -16.62
CA PRO A 210 -12.75 -3.15 -16.89
C PRO A 210 -13.48 -2.55 -15.68
N TYR A 211 -14.42 -1.66 -15.99
CA TYR A 211 -15.20 -0.94 -15.01
C TYR A 211 -16.63 -1.48 -15.13
N THR A 212 -17.62 -0.68 -14.72
CA THR A 212 -18.95 -1.24 -14.55
C THR A 212 -20.03 -0.18 -14.73
N LEU A 213 -21.14 -0.57 -15.34
CA LEU A 213 -22.35 0.26 -15.31
C LEU A 213 -23.47 -0.42 -14.54
N ASP A 214 -23.21 -1.56 -13.90
CA ASP A 214 -24.27 -2.26 -13.17
C ASP A 214 -24.11 -2.21 -11.63
N THR A 215 -22.92 -2.49 -11.12
CA THR A 215 -22.63 -2.29 -9.69
C THR A 215 -22.17 -0.85 -9.51
N ASN A 216 -23.08 0.07 -9.79
CA ASN A 216 -22.75 1.48 -9.96
C ASN A 216 -23.93 2.30 -9.48
N ASP A 217 -23.70 3.28 -8.59
CA ASP A 217 -24.82 4.03 -8.00
C ASP A 217 -25.52 4.92 -9.04
N MET A 218 -24.99 4.96 -10.26
CA MET A 218 -25.69 5.69 -11.32
C MET A 218 -27.12 5.15 -11.50
N ARG A 219 -27.33 3.87 -11.21
CA ARG A 219 -28.63 3.27 -11.45
C ARG A 219 -29.72 3.81 -10.51
N PHE A 220 -29.34 4.51 -9.44
CA PHE A 220 -30.35 5.18 -8.61
C PHE A 220 -31.11 6.28 -9.37
N THR A 221 -30.56 6.75 -10.49
CA THR A 221 -31.17 7.89 -11.19
C THR A 221 -31.56 7.57 -12.63
N GLN A 222 -31.47 6.29 -12.98
CA GLN A 222 -31.77 5.87 -14.35
C GLN A 222 -33.14 5.22 -14.46
N VAL A 223 -33.67 5.14 -15.67
CA VAL A 223 -35.01 4.58 -15.81
C VAL A 223 -35.08 3.20 -15.13
N GLN A 224 -34.19 2.29 -15.50
CA GLN A 224 -34.12 1.00 -14.81
C GLN A 224 -33.11 1.20 -13.70
N GLY A 225 -33.59 1.07 -12.46
CA GLY A 225 -32.89 1.67 -11.30
C GLY A 225 -33.40 1.44 -9.88
N PHE A 226 -32.45 1.10 -9.00
CA PHE A 226 -32.70 0.84 -7.58
C PHE A 226 -33.73 1.83 -6.98
N ASN A 227 -34.77 1.33 -6.29
CA ASN A 227 -35.80 2.19 -5.62
C ASN A 227 -35.32 2.69 -4.28
N LYS A 228 -34.62 1.82 -3.55
CA LYS A 228 -34.17 2.14 -2.21
C LYS A 228 -32.74 1.65 -2.06
N GLY A 229 -32.09 2.13 -1.00
CA GLY A 229 -30.69 1.75 -0.78
C GLY A 229 -30.48 0.25 -0.79
N ASP A 230 -31.36 -0.48 -0.12
CA ASP A 230 -31.20 -1.94 0.07
C ASP A 230 -31.17 -2.70 -1.26
N ASP A 231 -31.77 -2.12 -2.30
CA ASP A 231 -31.68 -2.76 -3.62
C ASP A 231 -30.21 -2.76 -4.08
N PHE A 232 -29.50 -1.66 -3.85
CA PHE A 232 -28.11 -1.55 -4.26
C PHE A 232 -27.25 -2.48 -3.39
N PHE A 233 -27.55 -2.51 -2.09
CA PHE A 233 -26.83 -3.40 -1.18
C PHE A 233 -26.97 -4.86 -1.62
N GLU A 234 -28.22 -5.29 -1.85
CA GLU A 234 -28.46 -6.66 -2.29
C GLU A 234 -27.78 -6.97 -3.62
N TYR A 235 -27.79 -6.00 -4.53
CA TYR A 235 -27.17 -6.16 -5.82
C TYR A 235 -25.65 -6.39 -5.67
N LEU A 236 -25.01 -5.56 -4.83
CA LEU A 236 -23.57 -5.68 -4.57
C LEU A 236 -23.27 -6.98 -3.82
N LYS A 237 -24.12 -7.29 -2.87
CA LYS A 237 -23.92 -8.52 -2.08
C LYS A 237 -23.95 -9.76 -2.98
N ASP A 238 -24.93 -9.81 -3.88
CA ASP A 238 -25.01 -10.91 -4.85
C ASP A 238 -23.77 -11.01 -5.72
N ALA A 239 -23.30 -9.88 -6.26
CA ALA A 239 -22.09 -9.90 -7.09
C ALA A 239 -20.89 -10.42 -6.30
N PHE A 240 -20.75 -9.91 -5.09
CA PHE A 240 -19.69 -10.34 -4.18
C PHE A 240 -19.75 -11.85 -3.93
N ASP A 241 -20.92 -12.33 -3.55
CA ASP A 241 -21.12 -13.74 -3.19
C ASP A 241 -20.72 -14.68 -4.34
N VAL A 242 -21.24 -14.41 -5.52
CA VAL A 242 -20.91 -15.24 -6.69
C VAL A 242 -19.39 -15.22 -6.98
N LEU A 243 -18.80 -14.03 -7.00
CA LEU A 243 -17.37 -13.93 -7.27
C LEU A 243 -16.50 -14.54 -6.17
N TYR A 244 -16.89 -14.33 -4.91
CA TYR A 244 -16.13 -14.86 -3.76
C TYR A 244 -16.16 -16.38 -3.83
N ALA A 245 -17.34 -16.93 -4.17
CA ALA A 245 -17.46 -18.38 -4.38
C ALA A 245 -16.53 -18.90 -5.49
N GLU A 246 -16.51 -18.20 -6.62
CA GLU A 246 -15.63 -18.61 -7.72
C GLU A 246 -14.18 -18.49 -7.30
N GLY A 247 -13.91 -17.57 -6.38
CA GLY A 247 -12.55 -17.26 -5.97
C GLY A 247 -11.90 -18.33 -5.12
N ALA A 248 -12.66 -19.37 -4.78
CA ALA A 248 -12.07 -20.55 -4.13
C ALA A 248 -11.06 -21.21 -5.06
N GLU A 249 -11.27 -21.04 -6.37
CA GLU A 249 -10.35 -21.59 -7.38
C GLU A 249 -9.89 -20.59 -8.44
N ALA A 250 -10.71 -19.57 -8.72
CA ALA A 250 -10.40 -18.64 -9.79
C ALA A 250 -10.85 -17.23 -9.40
N PRO A 251 -10.04 -16.55 -8.58
CA PRO A 251 -10.40 -15.20 -8.12
C PRO A 251 -10.54 -14.19 -9.26
N LYS A 252 -11.39 -13.20 -9.03
CA LYS A 252 -11.69 -12.17 -10.02
C LYS A 252 -11.72 -10.84 -9.25
N MET A 253 -12.18 -9.79 -9.93
CA MET A 253 -12.35 -8.51 -9.25
C MET A 253 -13.77 -8.01 -9.45
N LEU A 254 -14.12 -7.00 -8.68
CA LEU A 254 -15.42 -6.32 -8.77
C LEU A 254 -15.19 -4.83 -8.52
N SER A 255 -15.77 -4.01 -9.39
CA SER A 255 -15.71 -2.56 -9.28
C SER A 255 -17.03 -2.06 -8.71
N ILE A 256 -16.96 -1.06 -7.85
CA ILE A 256 -18.14 -0.45 -7.28
C ILE A 256 -18.04 1.04 -7.59
N GLY A 257 -18.89 1.52 -8.49
CA GLY A 257 -18.83 2.91 -8.93
C GLY A 257 -19.73 3.82 -8.13
N LEU A 258 -19.20 4.97 -7.74
CA LEU A 258 -19.89 5.90 -6.84
C LEU A 258 -19.81 7.35 -7.37
N HIS A 259 -20.83 8.14 -7.06
CA HIS A 259 -20.84 9.57 -7.43
C HIS A 259 -21.18 10.42 -6.22
N CYS A 260 -20.49 11.55 -6.05
CA CYS A 260 -20.69 12.37 -4.85
C CYS A 260 -22.13 12.82 -4.67
N ARG A 261 -22.75 13.24 -5.78
CA ARG A 261 -24.09 13.80 -5.71
C ARG A 261 -25.17 12.73 -5.50
N LEU A 262 -24.78 11.46 -5.63
CA LEU A 262 -25.73 10.36 -5.56
C LEU A 262 -25.60 9.57 -4.27
N ILE A 263 -24.53 8.77 -4.11
CA ILE A 263 -24.39 7.99 -2.86
C ILE A 263 -24.09 8.89 -1.65
N GLY A 264 -23.72 10.14 -1.94
CA GLY A 264 -23.48 11.13 -0.89
C GLY A 264 -24.74 11.53 -0.12
N ARG A 265 -25.91 11.30 -0.71
CA ARG A 265 -27.16 11.53 0.01
C ARG A 265 -27.28 10.51 1.15
N PRO A 266 -27.67 10.99 2.35
CA PRO A 266 -27.77 10.05 3.48
C PRO A 266 -28.67 8.84 3.20
N ALA A 267 -29.77 9.02 2.47
CA ALA A 267 -30.66 7.90 2.18
C ALA A 267 -29.97 6.77 1.43
N ARG A 268 -28.88 7.09 0.72
CA ARG A 268 -28.19 6.10 -0.11
C ARG A 268 -26.88 5.62 0.52
N LEU A 269 -26.23 6.50 1.27
CA LEU A 269 -25.00 6.13 1.95
C LEU A 269 -25.19 4.91 2.87
N ALA A 270 -26.34 4.81 3.53
CA ALA A 270 -26.56 3.70 4.48
C ALA A 270 -26.30 2.35 3.83
N ALA A 271 -26.76 2.18 2.59
CA ALA A 271 -26.61 0.91 1.90
C ALA A 271 -25.14 0.60 1.59
N LEU A 272 -24.40 1.63 1.21
CA LEU A 272 -22.98 1.46 0.91
C LEU A 272 -22.24 1.04 2.17
N GLN A 273 -22.55 1.67 3.29
CA GLN A 273 -21.96 1.23 4.56
C GLN A 273 -22.28 -0.23 4.88
N ARG A 274 -23.54 -0.64 4.70
CA ARG A 274 -23.91 -2.04 4.94
C ARG A 274 -23.09 -2.97 4.05
N PHE A 275 -22.89 -2.59 2.78
CA PHE A 275 -22.06 -3.43 1.91
C PHE A 275 -20.60 -3.48 2.35
N ILE A 276 -20.05 -2.34 2.73
CA ILE A 276 -18.67 -2.32 3.21
C ILE A 276 -18.54 -3.23 4.42
N GLU A 277 -19.49 -3.15 5.35
CA GLU A 277 -19.48 -4.03 6.53
C GLU A 277 -19.55 -5.51 6.12
N TYR A 278 -20.39 -5.82 5.13
CA TYR A 278 -20.53 -7.18 4.64
C TYR A 278 -19.20 -7.66 4.06
N ALA A 279 -18.58 -6.84 3.21
CA ALA A 279 -17.33 -7.25 2.58
C ALA A 279 -16.26 -7.44 3.65
N LYS A 280 -16.19 -6.52 4.61
CA LYS A 280 -15.20 -6.57 5.69
C LYS A 280 -15.35 -7.79 6.61
N SER A 281 -16.56 -8.34 6.67
CA SER A 281 -16.83 -9.52 7.51
C SER A 281 -16.25 -10.81 6.93
N HIS A 282 -15.71 -10.74 5.71
CA HIS A 282 -15.12 -11.91 5.04
C HIS A 282 -13.61 -11.85 5.11
N GLU A 283 -12.98 -13.01 5.24
CA GLU A 283 -11.53 -13.03 5.10
C GLU A 283 -11.12 -13.08 3.63
N GLN A 284 -9.88 -12.77 3.32
CA GLN A 284 -9.36 -12.91 1.96
C GLN A 284 -10.08 -12.02 0.94
N VAL A 285 -10.17 -10.74 1.29
CA VAL A 285 -10.69 -9.72 0.40
C VAL A 285 -9.61 -8.65 0.26
N TRP A 286 -9.22 -8.35 -0.98
CA TRP A 286 -8.22 -7.31 -1.22
C TRP A 286 -8.94 -5.99 -1.55
N PHE A 287 -8.95 -5.07 -0.59
CA PHE A 287 -9.54 -3.74 -0.81
C PHE A 287 -8.43 -2.87 -1.40
N THR A 288 -8.55 -2.46 -2.65
CA THR A 288 -7.41 -1.83 -3.31
C THR A 288 -7.74 -0.70 -4.28
N ARG A 289 -6.69 -0.04 -4.76
CA ARG A 289 -6.81 1.00 -5.76
C ARG A 289 -6.47 0.43 -7.13
N ARG A 290 -6.95 1.10 -8.17
CA ARG A 290 -6.80 0.59 -9.54
C ARG A 290 -5.34 0.60 -10.02
N VAL A 291 -4.58 1.64 -9.66
CA VAL A 291 -3.15 1.62 -10.01
C VAL A 291 -2.46 0.47 -9.31
N ASP A 292 -2.90 0.10 -8.10
CA ASP A 292 -2.30 -1.02 -7.40
C ASP A 292 -2.59 -2.35 -8.11
N ILE A 293 -3.80 -2.47 -8.66
CA ILE A 293 -4.12 -3.62 -9.48
C ILE A 293 -3.18 -3.67 -10.69
N ALA A 294 -2.94 -2.52 -11.31
CA ALA A 294 -2.10 -2.45 -12.50
C ALA A 294 -0.65 -2.83 -12.20
N ARG A 295 -0.11 -2.31 -11.09
CA ARG A 295 1.27 -2.65 -10.74
C ARG A 295 1.36 -4.13 -10.37
N HIS A 296 0.32 -4.64 -9.74
CA HIS A 296 0.28 -6.06 -9.40
C HIS A 296 0.29 -6.90 -10.68
N TRP A 297 -0.49 -6.50 -11.68
CA TRP A 297 -0.58 -7.30 -12.88
C TRP A 297 0.78 -7.33 -13.57
N HIS A 298 1.47 -6.20 -13.55
CA HIS A 298 2.78 -6.10 -14.17
C HIS A 298 3.77 -7.08 -13.54
N ALA A 299 3.73 -7.16 -12.22
CA ALA A 299 4.65 -8.04 -11.48
C ALA A 299 4.28 -9.52 -11.59
N THR A 300 3.00 -9.78 -11.82
CA THR A 300 2.45 -11.14 -11.73
C THR A 300 2.21 -11.81 -13.08
N HIS A 301 1.69 -11.04 -14.05
CA HIS A 301 1.48 -11.52 -15.42
C HIS A 301 2.00 -10.49 -16.42
N PRO A 302 3.33 -10.30 -16.45
CA PRO A 302 3.93 -9.34 -17.38
C PRO A 302 3.50 -9.59 -18.83
N TYR A 303 3.45 -8.53 -19.63
CA TYR A 303 3.07 -8.65 -21.04
C TYR A 303 4.14 -9.41 -21.84
N THR A 304 3.69 -10.39 -22.61
CA THR A 304 4.60 -11.22 -23.41
C THR A 304 4.46 -10.90 -24.90
N VAL B 3 43.27 -22.26 16.93
CA VAL B 3 42.49 -22.60 18.15
C VAL B 3 40.99 -22.52 17.84
N ASP B 4 40.21 -23.30 18.58
CA ASP B 4 38.77 -23.30 18.42
C ASP B 4 38.23 -21.98 19.00
N TYR B 5 37.64 -21.17 18.12
CA TYR B 5 37.15 -19.84 18.48
C TYR B 5 35.84 -19.59 17.73
N PRO B 6 34.73 -19.48 18.48
CA PRO B 6 33.39 -19.51 17.89
C PRO B 6 32.91 -18.19 17.27
N ARG B 7 33.82 -17.28 16.98
CA ARG B 7 33.44 -16.05 16.27
C ARG B 7 34.11 -16.09 14.91
N ASP B 8 33.45 -15.54 13.90
CA ASP B 8 34.09 -15.39 12.60
C ASP B 8 34.47 -13.92 12.36
N LEU B 9 35.71 -13.58 12.67
CA LEU B 9 36.22 -12.23 12.47
C LEU B 9 36.57 -11.91 11.01
N ILE B 10 36.60 -12.94 10.16
CA ILE B 10 37.09 -12.80 8.79
C ILE B 10 35.98 -12.65 7.75
N GLY B 11 34.96 -13.52 7.83
CA GLY B 11 33.85 -13.45 6.90
C GLY B 11 34.32 -13.67 5.47
N TYR B 12 33.94 -12.76 4.59
CA TYR B 12 34.32 -12.85 3.19
C TYR B 12 35.73 -12.31 2.94
N GLY B 13 36.38 -11.80 3.98
CA GLY B 13 37.66 -11.11 3.78
C GLY B 13 37.55 -10.02 2.73
N SER B 14 38.55 -9.91 1.87
CA SER B 14 38.58 -8.79 0.92
C SER B 14 37.80 -9.13 -0.36
N ASN B 15 37.18 -10.29 -0.37
CA ASN B 15 36.51 -10.80 -1.55
C ASN B 15 35.01 -11.07 -1.36
N PRO B 16 34.22 -10.04 -1.02
CA PRO B 16 32.79 -10.31 -0.87
C PRO B 16 32.17 -10.58 -2.22
N PRO B 17 31.12 -11.42 -2.26
CA PRO B 17 30.52 -11.75 -3.55
C PRO B 17 29.70 -10.61 -4.11
N HIS B 18 29.61 -10.55 -5.44
CA HIS B 18 28.71 -9.62 -6.10
C HIS B 18 27.30 -10.21 -5.92
N PRO B 19 26.37 -9.44 -5.35
CA PRO B 19 25.05 -9.99 -5.03
C PRO B 19 24.11 -10.13 -6.22
N HIS B 20 24.48 -9.54 -7.36
CA HIS B 20 23.65 -9.55 -8.57
C HIS B 20 22.20 -9.18 -8.25
N TRP B 21 22.04 -8.01 -7.66
CA TRP B 21 20.70 -7.58 -7.24
C TRP B 21 19.86 -7.43 -8.52
N PRO B 22 18.57 -7.80 -8.45
CA PRO B 22 17.67 -7.61 -9.60
C PRO B 22 17.67 -6.17 -10.10
N GLY B 23 17.43 -5.99 -11.39
CA GLY B 23 17.35 -4.67 -12.00
C GLY B 23 18.71 -4.01 -12.07
N LYS B 24 19.75 -4.83 -12.01
CA LYS B 24 21.14 -4.36 -11.94
C LYS B 24 21.33 -3.28 -10.88
N ALA B 25 20.65 -3.41 -9.75
CA ALA B 25 20.75 -2.39 -8.69
C ALA B 25 22.16 -2.28 -8.12
N ARG B 26 22.63 -1.05 -7.88
CA ARG B 26 23.97 -0.80 -7.33
C ARG B 26 23.91 -0.86 -5.82
N ILE B 27 22.69 -0.92 -5.30
CA ILE B 27 22.48 -0.96 -3.84
C ILE B 27 21.10 -1.51 -3.57
N ALA B 28 20.99 -2.27 -2.47
CA ALA B 28 19.69 -2.71 -1.99
C ALA B 28 19.38 -2.02 -0.69
N LEU B 29 18.18 -1.49 -0.59
CA LEU B 29 17.71 -0.86 0.64
C LEU B 29 16.63 -1.70 1.29
N SER B 30 16.79 -1.97 2.58
CA SER B 30 15.80 -2.66 3.37
C SER B 30 15.32 -1.76 4.50
N PHE B 31 14.15 -1.16 4.31
CA PHE B 31 13.51 -0.37 5.34
C PHE B 31 12.81 -1.32 6.29
N VAL B 32 13.05 -1.15 7.58
CA VAL B 32 12.50 -2.07 8.56
C VAL B 32 11.70 -1.29 9.59
N LEU B 33 10.43 -1.65 9.77
CA LEU B 33 9.62 -0.99 10.80
C LEU B 33 9.42 -1.93 11.96
N ASN B 34 9.91 -1.54 13.14
CA ASN B 34 9.70 -2.36 14.32
C ASN B 34 8.33 -2.07 14.92
N TYR B 35 7.65 -3.11 15.40
CA TYR B 35 6.36 -2.93 16.06
C TYR B 35 6.44 -3.64 17.42
N GLU B 36 6.72 -2.87 18.47
CA GLU B 36 7.05 -3.37 19.82
C GLU B 36 6.04 -2.92 20.87
N GLU B 37 5.28 -1.87 20.52
CA GLU B 37 4.41 -1.17 21.45
C GLU B 37 3.28 -2.10 21.94
N GLY B 38 3.28 -2.42 23.24
CA GLY B 38 2.34 -3.40 23.79
C GLY B 38 3.00 -4.72 24.20
N GLY B 39 4.26 -4.91 23.83
CA GLY B 39 5.04 -6.08 24.22
C GLY B 39 6.28 -5.78 25.06
N GLU B 40 6.49 -4.51 25.39
CA GLU B 40 7.66 -4.08 26.16
C GLU B 40 7.60 -4.48 27.64
N ARG B 41 8.62 -4.13 28.42
CA ARG B 41 8.61 -4.45 29.84
C ARG B 41 7.45 -3.75 30.55
N ASN B 42 6.73 -4.51 31.36
CA ASN B 42 5.62 -3.96 32.13
C ASN B 42 5.22 -5.01 33.17
N ILE B 43 4.98 -4.60 34.42
CA ILE B 43 4.57 -5.57 35.43
C ILE B 43 3.21 -6.19 35.05
N LEU B 44 2.47 -5.53 34.17
CA LEU B 44 1.20 -6.08 33.69
C LEU B 44 1.41 -7.26 32.76
N HIS B 45 2.62 -7.39 32.26
CA HIS B 45 2.97 -8.48 31.36
C HIS B 45 3.68 -9.59 32.13
N GLY B 46 3.84 -9.41 33.45
CA GLY B 46 4.55 -10.38 34.27
C GLY B 46 6.03 -10.12 34.44
N ASP B 47 6.51 -8.98 33.92
CA ASP B 47 7.90 -8.61 34.12
C ASP B 47 8.08 -8.05 35.53
N LYS B 48 9.32 -7.99 36.00
CA LYS B 48 9.54 -7.54 37.37
C LYS B 48 9.64 -6.02 37.50
N GLU B 49 9.64 -5.32 36.37
CA GLU B 49 9.94 -3.89 36.33
C GLU B 49 9.37 -3.21 35.09
N SER B 50 9.30 -1.88 35.12
CA SER B 50 8.84 -1.08 33.99
C SER B 50 9.94 -0.91 32.91
N GLU B 51 9.52 -0.51 31.72
CA GLU B 51 10.43 -0.29 30.57
C GLU B 51 11.28 0.96 30.78
N ALA B 52 12.50 0.95 30.26
CA ALA B 52 13.39 2.12 30.36
C ALA B 52 14.09 2.45 29.02
N PHE B 53 13.98 1.54 28.05
CA PHE B 53 14.77 1.59 26.81
C PHE B 53 13.95 2.31 25.70
N LEU B 54 14.65 3.08 24.86
CA LEU B 54 14.06 3.66 23.65
C LEU B 54 12.77 4.49 23.84
N SER B 55 12.91 5.60 24.55
CA SER B 55 11.81 6.55 24.66
C SER B 55 12.36 7.95 24.85
N GLU B 56 11.46 8.93 24.83
CA GLU B 56 11.82 10.33 25.04
C GLU B 56 12.40 10.56 26.44
N MET B 57 12.07 9.69 27.38
CA MET B 57 12.63 9.81 28.74
C MET B 57 14.01 9.22 28.70
N VAL B 58 14.94 9.98 28.13
CA VAL B 58 16.27 9.50 27.81
C VAL B 58 17.07 8.95 28.99
N SER B 59 16.78 9.44 30.19
CA SER B 59 17.49 8.97 31.38
C SER B 59 16.69 8.01 32.26
N ALA B 60 15.60 7.48 31.74
CA ALA B 60 14.75 6.57 32.53
C ALA B 60 15.52 5.34 33.01
N GLN B 61 15.18 4.88 34.22
CA GLN B 61 15.62 3.56 34.72
C GLN B 61 14.38 2.70 34.98
N PRO B 62 14.55 1.37 34.92
CA PRO B 62 13.38 0.53 35.23
C PRO B 62 12.98 0.69 36.69
N LEU B 63 11.67 0.71 36.96
CA LEU B 63 11.14 0.78 38.31
C LEU B 63 10.70 -0.62 38.75
N GLN B 64 11.31 -1.15 39.81
CA GLN B 64 10.99 -2.50 40.28
C GLN B 64 9.57 -2.56 40.83
N GLY B 65 8.78 -3.49 40.32
CA GLY B 65 7.42 -3.71 40.83
C GLY B 65 6.42 -2.58 40.65
N GLU B 66 6.72 -1.67 39.71
CA GLU B 66 5.86 -0.49 39.53
C GLU B 66 5.52 -0.30 38.07
N ARG B 67 4.45 0.47 37.82
CA ARG B 67 4.18 0.99 36.48
C ARG B 67 4.74 2.40 36.33
N ASN B 68 5.37 2.64 35.19
CA ASN B 68 5.84 3.97 34.86
C ASN B 68 4.85 4.59 33.86
N MET B 69 3.91 5.39 34.36
CA MET B 69 2.83 5.85 33.51
C MET B 69 3.30 6.70 32.32
N SER B 70 4.27 7.59 32.55
CA SER B 70 4.80 8.39 31.45
CA SER B 70 4.76 8.40 31.43
C SER B 70 5.38 7.52 30.34
N MET B 71 6.16 6.52 30.76
CA MET B 71 6.80 5.58 29.85
C MET B 71 5.74 4.84 29.05
N GLU B 72 4.69 4.37 29.73
CA GLU B 72 3.63 3.65 29.03
C GLU B 72 3.02 4.55 27.98
N SER B 73 2.85 5.82 28.34
CA SER B 73 2.16 6.77 27.47
C SER B 73 2.93 7.04 26.17
N LEU B 74 4.25 7.21 26.30
CA LEU B 74 5.12 7.39 25.15
C LEU B 74 5.07 6.19 24.20
N TYR B 75 5.03 4.99 24.75
CA TYR B 75 4.87 3.78 23.92
C TYR B 75 3.54 3.77 23.18
N GLU B 76 2.48 4.17 23.87
CA GLU B 76 1.17 4.22 23.25
C GLU B 76 1.11 5.20 22.05
N TYR B 77 1.94 6.24 22.06
CA TYR B 77 1.97 7.12 20.89
C TYR B 77 2.26 6.31 19.62
N GLY B 78 3.14 5.34 19.74
CA GLY B 78 3.56 4.59 18.57
C GLY B 78 2.45 3.77 17.94
N SER B 79 1.65 3.12 18.80
CA SER B 79 0.55 2.30 18.31
C SER B 79 -0.71 3.12 17.93
N ARG B 80 -0.95 4.20 18.69
CA ARG B 80 -2.10 5.07 18.47
C ARG B 80 -1.97 6.00 17.25
N ALA B 81 -0.77 6.53 17.02
CA ALA B 81 -0.55 7.63 16.05
C ALA B 81 0.59 7.39 15.05
N GLY B 82 1.76 7.06 15.58
CA GLY B 82 2.95 6.91 14.75
C GLY B 82 2.83 5.87 13.66
N VAL B 83 2.29 4.69 13.98
CA VAL B 83 2.28 3.59 13.00
C VAL B 83 1.57 4.00 11.73
N TRP B 84 0.41 4.66 11.86
CA TRP B 84 -0.38 5.01 10.67
C TRP B 84 0.34 6.03 9.79
N ARG B 85 0.99 6.99 10.43
CA ARG B 85 1.73 8.00 9.75
C ARG B 85 2.84 7.39 8.90
N ILE B 86 3.55 6.43 9.49
CA ILE B 86 4.67 5.80 8.81
C ILE B 86 4.18 4.94 7.66
N LEU B 87 3.15 4.13 7.90
CA LEU B 87 2.59 3.30 6.83
C LEU B 87 2.15 4.13 5.63
N LYS B 88 1.50 5.27 5.89
CA LYS B 88 1.05 6.16 4.82
C LYS B 88 2.19 6.73 3.99
N LEU B 89 3.30 7.02 4.67
CA LEU B 89 4.46 7.60 4.00
C LEU B 89 5.03 6.59 3.01
N PHE B 90 5.22 5.36 3.47
CA PHE B 90 5.82 4.37 2.57
C PHE B 90 4.90 4.03 1.40
N LYS B 91 3.59 3.98 1.67
CA LYS B 91 2.61 3.77 0.60
C LYS B 91 2.63 4.88 -0.44
N ALA B 92 2.81 6.13 -0.01
CA ALA B 92 2.90 7.24 -0.97
C ALA B 92 4.08 7.07 -1.94
N PHE B 93 5.10 6.32 -1.54
CA PHE B 93 6.30 6.13 -2.38
C PHE B 93 6.41 4.74 -2.96
N ASP B 94 5.41 3.90 -2.71
CA ASP B 94 5.36 2.52 -3.20
C ASP B 94 6.54 1.69 -2.73
N ILE B 95 6.97 1.94 -1.50
CA ILE B 95 8.07 1.19 -0.90
C ILE B 95 7.63 0.09 0.06
N PRO B 96 8.13 -1.13 -0.17
CA PRO B 96 7.83 -2.27 0.68
C PRO B 96 8.64 -2.20 1.98
N LEU B 97 8.03 -2.75 3.04
CA LEU B 97 8.63 -2.85 4.37
C LEU B 97 8.76 -4.30 4.80
N THR B 98 9.71 -4.56 5.67
CA THR B 98 9.65 -5.73 6.55
C THR B 98 9.34 -5.31 7.99
N ILE B 99 8.28 -5.88 8.55
CA ILE B 99 7.87 -5.58 9.91
C ILE B 99 8.52 -6.54 10.91
N PHE B 100 9.39 -6.00 11.76
CA PHE B 100 9.84 -6.72 12.94
C PHE B 100 8.79 -6.69 14.03
N ALA B 101 7.83 -7.61 13.96
CA ALA B 101 6.65 -7.57 14.81
C ALA B 101 6.82 -8.38 16.10
N VAL B 102 6.74 -7.72 17.24
CA VAL B 102 6.70 -8.42 18.52
C VAL B 102 5.30 -9.04 18.66
N ALA B 103 5.24 -10.35 18.93
CA ALA B 103 3.96 -11.06 18.88
C ALA B 103 2.93 -10.54 19.90
N MET B 104 3.37 -10.28 21.13
CA MET B 104 2.44 -9.71 22.12
C MET B 104 1.90 -8.37 21.62
N ALA B 105 2.78 -7.53 21.08
CA ALA B 105 2.35 -6.24 20.57
C ALA B 105 1.32 -6.40 19.45
N ALA B 106 1.62 -7.29 18.51
CA ALA B 106 0.74 -7.58 17.39
C ALA B 106 -0.64 -8.03 17.85
N GLN B 107 -0.68 -8.91 18.85
CA GLN B 107 -1.96 -9.48 19.27
C GLN B 107 -2.83 -8.45 19.99
N ARG B 108 -2.19 -7.45 20.61
CA ARG B 108 -2.94 -6.36 21.21
C ARG B 108 -3.51 -5.35 20.19
N HIS B 109 -3.05 -5.42 18.95
CA HIS B 109 -3.57 -4.51 17.92
C HIS B 109 -3.63 -5.21 16.57
N PRO B 110 -4.46 -6.27 16.47
CA PRO B 110 -4.52 -7.07 15.24
C PRO B 110 -4.85 -6.27 13.97
N ASP B 111 -5.59 -5.18 14.11
CA ASP B 111 -5.98 -4.32 13.01
C ASP B 111 -4.75 -3.76 12.28
N VAL B 112 -3.72 -3.38 13.03
CA VAL B 112 -2.57 -2.78 12.37
C VAL B 112 -1.78 -3.82 11.56
N ILE B 113 -1.73 -5.04 12.09
CA ILE B 113 -1.11 -6.14 11.34
C ILE B 113 -1.86 -6.39 10.02
N ARG B 114 -3.19 -6.36 10.06
CA ARG B 114 -4.00 -6.48 8.85
C ARG B 114 -3.69 -5.44 7.78
N ALA B 115 -3.53 -4.19 8.20
CA ALA B 115 -3.16 -3.11 7.30
C ALA B 115 -1.79 -3.37 6.67
N MET B 116 -0.87 -3.95 7.44
CA MET B 116 0.48 -4.22 6.93
C MET B 116 0.46 -5.28 5.83
N VAL B 117 -0.31 -6.34 6.07
CA VAL B 117 -0.47 -7.41 5.09
C VAL B 117 -1.11 -6.96 3.78
N ALA B 118 -2.15 -6.14 3.88
CA ALA B 118 -2.82 -5.58 2.69
C ALA B 118 -1.87 -4.79 1.81
N ALA B 119 -0.90 -4.15 2.46
CA ALA B 119 0.09 -3.33 1.78
C ALA B 119 1.20 -4.19 1.15
N GLY B 120 1.23 -5.46 1.52
CA GLY B 120 2.21 -6.42 0.98
C GLY B 120 3.49 -6.47 1.79
N HIS B 121 3.47 -5.88 2.97
CA HIS B 121 4.63 -5.88 3.84
C HIS B 121 4.91 -7.25 4.47
N GLU B 122 6.18 -7.57 4.62
CA GLU B 122 6.55 -8.83 5.25
C GLU B 122 6.40 -8.75 6.77
N ILE B 123 5.75 -9.74 7.36
CA ILE B 123 5.72 -9.84 8.79
C ILE B 123 6.79 -10.82 9.24
N CYS B 124 7.84 -10.26 9.82
CA CYS B 124 8.95 -10.98 10.42
C CYS B 124 8.77 -11.03 11.95
N SER B 125 9.17 -12.15 12.55
CA SER B 125 9.07 -12.28 13.99
C SER B 125 10.13 -11.46 14.73
N HIS B 126 9.68 -10.66 15.68
CA HIS B 126 10.55 -9.95 16.61
C HIS B 126 10.43 -10.51 18.04
N GLY B 127 10.02 -11.78 18.13
CA GLY B 127 9.90 -12.43 19.41
C GLY B 127 8.50 -12.30 19.97
N TYR B 128 8.24 -13.06 21.03
CA TYR B 128 6.96 -12.99 21.73
C TYR B 128 6.87 -11.71 22.57
N ARG B 129 7.98 -11.38 23.22
CA ARG B 129 8.04 -10.28 24.17
C ARG B 129 9.23 -9.42 23.79
N TRP B 130 9.13 -8.12 24.06
CA TRP B 130 10.24 -7.21 23.75
C TRP B 130 11.04 -7.00 25.03
N ILE B 131 11.87 -7.98 25.35
CA ILE B 131 12.62 -8.03 26.59
C ILE B 131 14.02 -8.56 26.32
N ASP B 132 14.86 -8.51 27.34
CA ASP B 132 16.25 -8.95 27.21
C ASP B 132 16.31 -10.44 27.47
N TYR B 133 16.85 -11.19 26.50
CA TYR B 133 16.92 -12.65 26.62
C TYR B 133 18.26 -13.17 27.14
N GLN B 134 19.15 -12.25 27.53
CA GLN B 134 20.51 -12.61 27.95
C GLN B 134 20.54 -13.74 28.99
N TYR B 135 19.67 -13.62 29.99
CA TYR B 135 19.72 -14.53 31.16
C TYR B 135 18.62 -15.59 31.18
N MET B 136 17.71 -15.55 30.22
CA MET B 136 16.59 -16.48 30.24
C MET B 136 17.00 -17.93 30.01
N ASP B 137 16.36 -18.84 30.74
CA ASP B 137 16.57 -20.29 30.57
C ASP B 137 16.08 -20.76 29.22
N GLU B 138 16.78 -21.75 28.66
CA GLU B 138 16.52 -22.24 27.32
C GLU B 138 15.07 -22.70 27.11
N ALA B 139 14.52 -23.43 28.09
CA ALA B 139 13.16 -23.92 27.98
C ALA B 139 12.15 -22.78 27.75
N GLN B 140 12.24 -21.76 28.59
CA GLN B 140 11.33 -20.62 28.50
C GLN B 140 11.54 -19.84 27.20
N GLU B 141 12.79 -19.65 26.79
CA GLU B 141 13.04 -18.94 25.52
C GLU B 141 12.48 -19.73 24.36
N ARG B 142 12.65 -21.04 24.40
CA ARG B 142 12.09 -21.88 23.35
C ARG B 142 10.57 -21.74 23.31
N GLU B 143 9.91 -21.73 24.47
CA GLU B 143 8.46 -21.62 24.53
C GLU B 143 7.99 -20.26 23.99
N HIS B 144 8.70 -19.20 24.38
CA HIS B 144 8.44 -17.88 23.81
C HIS B 144 8.50 -17.89 22.28
N MET B 145 9.52 -18.55 21.73
CA MET B 145 9.65 -18.60 20.28
C MET B 145 8.44 -19.31 19.64
N LEU B 146 8.03 -20.42 20.23
CA LEU B 146 6.92 -21.18 19.67
C LEU B 146 5.63 -20.36 19.71
N GLU B 147 5.42 -19.65 20.80
CA GLU B 147 4.22 -18.83 20.99
C GLU B 147 4.19 -17.67 19.99
N ALA B 148 5.34 -17.01 19.79
CA ALA B 148 5.44 -15.98 18.77
C ALA B 148 5.05 -16.50 17.38
N ILE B 149 5.57 -17.66 16.99
CA ILE B 149 5.23 -18.24 15.71
C ILE B 149 3.73 -18.52 15.59
N ARG B 150 3.14 -19.08 16.66
CA ARG B 150 1.69 -19.32 16.68
C ARG B 150 0.89 -18.05 16.45
N ILE B 151 1.18 -17.03 17.23
CA ILE B 151 0.47 -15.75 17.14
C ILE B 151 0.58 -15.15 15.74
N LEU B 152 1.79 -15.05 15.21
CA LEU B 152 1.97 -14.36 13.94
C LEU B 152 1.40 -15.13 12.75
N THR B 153 1.46 -16.46 12.81
CA THR B 153 0.88 -17.27 11.75
C THR B 153 -0.61 -16.98 11.62
N GLU B 154 -1.28 -16.89 12.76
CA GLU B 154 -2.73 -16.65 12.79
C GLU B 154 -3.08 -15.29 12.24
N LEU B 155 -2.32 -14.27 12.62
CA LEU B 155 -2.61 -12.89 12.23
C LEU B 155 -2.31 -12.62 10.76
N THR B 156 -1.20 -13.15 10.27
CA THR B 156 -0.76 -12.84 8.90
C THR B 156 -1.40 -13.75 7.87
N GLY B 157 -1.66 -15.00 8.25
CA GLY B 157 -2.16 -16.00 7.33
C GLY B 157 -1.11 -17.02 6.92
N GLU B 158 0.14 -16.75 7.21
CA GLU B 158 1.25 -17.68 7.02
C GLU B 158 2.35 -17.46 8.05
N ARG B 159 3.17 -18.44 8.31
CA ARG B 159 4.16 -18.32 9.37
C ARG B 159 5.28 -17.34 9.02
N PRO B 160 5.91 -16.74 10.04
CA PRO B 160 7.07 -15.91 9.75
C PRO B 160 8.25 -16.75 9.27
N LEU B 161 9.01 -16.19 8.32
CA LEU B 161 10.18 -16.85 7.74
C LEU B 161 11.50 -16.19 8.18
N GLY B 162 11.41 -15.04 8.85
CA GLY B 162 12.58 -14.37 9.42
C GLY B 162 12.40 -14.16 10.92
N TRP B 163 13.51 -13.95 11.62
CA TRP B 163 13.53 -13.75 13.08
C TRP B 163 14.55 -12.67 13.48
N TYR B 164 14.17 -11.79 14.38
CA TYR B 164 15.09 -10.82 15.00
C TYR B 164 14.72 -10.60 16.46
N THR B 165 15.58 -10.99 17.39
CA THR B 165 15.29 -10.73 18.81
C THR B 165 15.75 -9.35 19.19
N GLY B 166 16.99 -9.03 18.83
CA GLY B 166 17.68 -7.83 19.27
C GLY B 166 18.55 -8.14 20.46
N ARG B 167 17.96 -8.10 21.66
CA ARG B 167 18.69 -8.39 22.88
CA ARG B 167 18.71 -8.39 22.87
C ARG B 167 18.80 -9.89 23.11
N THR B 168 19.65 -10.54 22.33
CA THR B 168 19.82 -11.99 22.39
C THR B 168 20.58 -12.47 23.61
N GLY B 169 20.47 -13.77 23.88
CA GLY B 169 21.31 -14.42 24.85
C GLY B 169 22.09 -15.52 24.14
N PRO B 170 22.84 -16.31 24.90
CA PRO B 170 23.71 -17.35 24.32
C PRO B 170 22.98 -18.46 23.54
N ASN B 171 21.66 -18.57 23.71
CA ASN B 171 20.91 -19.64 23.04
C ASN B 171 19.96 -19.15 21.96
N THR B 172 19.78 -17.85 21.86
CA THR B 172 18.73 -17.31 21.00
C THR B 172 18.87 -17.77 19.56
N ARG B 173 20.01 -17.51 18.94
CA ARG B 173 20.18 -17.86 17.53
C ARG B 173 20.19 -19.37 17.28
N ARG B 174 20.73 -20.12 18.24
CA ARG B 174 20.68 -21.59 18.15
C ARG B 174 19.25 -22.11 18.12
N LEU B 175 18.40 -21.57 19.00
CA LEU B 175 17.00 -22.02 19.06
C LEU B 175 16.24 -21.72 17.77
N VAL B 176 16.52 -20.56 17.18
CA VAL B 176 15.91 -20.18 15.93
C VAL B 176 16.26 -21.18 14.84
N MET B 177 17.54 -21.55 14.74
CA MET B 177 17.95 -22.53 13.75
C MET B 177 17.39 -23.91 14.07
N GLU B 178 17.28 -24.24 15.36
CA GLU B 178 16.75 -25.54 15.76
C GLU B 178 15.25 -25.71 15.47
N GLU B 179 14.50 -24.61 15.46
CA GLU B 179 13.08 -24.65 15.10
C GLU B 179 12.89 -25.16 13.67
N GLY B 180 13.80 -24.76 12.78
CA GLY B 180 13.86 -25.29 11.41
C GLY B 180 13.01 -24.66 10.34
N GLY B 181 12.05 -23.81 10.73
CA GLY B 181 11.10 -23.24 9.79
C GLY B 181 11.45 -21.86 9.25
N PHE B 182 12.53 -21.27 9.78
CA PHE B 182 12.96 -19.97 9.33
C PHE B 182 13.90 -20.07 8.12
N LEU B 183 13.79 -19.11 7.20
CA LEU B 183 14.76 -18.98 6.13
C LEU B 183 15.99 -18.18 6.59
N TYR B 184 15.75 -17.25 7.52
CA TYR B 184 16.80 -16.27 7.86
C TYR B 184 16.62 -15.67 9.26
N ASP B 185 17.71 -15.17 9.83
CA ASP B 185 17.62 -14.30 10.99
C ASP B 185 18.47 -13.06 10.78
N CYS B 186 18.27 -12.08 11.66
CA CYS B 186 18.90 -10.76 11.50
C CYS B 186 19.64 -10.32 12.77
N ASP B 187 19.92 -11.27 13.66
CA ASP B 187 20.54 -10.96 14.93
C ASP B 187 22.06 -10.88 14.82
N THR B 188 22.53 -10.13 13.83
CA THR B 188 23.95 -9.78 13.72
C THR B 188 24.08 -8.37 13.14
N TYR B 189 25.24 -7.75 13.36
CA TYR B 189 25.52 -6.40 12.89
C TYR B 189 26.91 -6.41 12.27
N ASP B 190 27.25 -7.50 11.59
CA ASP B 190 28.64 -7.82 11.25
C ASP B 190 29.00 -7.74 9.77
N ASP B 191 28.09 -7.30 8.92
CA ASP B 191 28.43 -7.22 7.50
C ASP B 191 27.51 -6.30 6.70
N ASP B 192 27.87 -6.13 5.43
CA ASP B 192 27.13 -5.29 4.46
C ASP B 192 26.40 -6.19 3.47
N LEU B 193 26.44 -7.50 3.70
CA LEU B 193 25.85 -8.48 2.80
C LEU B 193 25.36 -9.67 3.61
N PRO B 194 24.35 -10.38 3.08
CA PRO B 194 23.94 -11.65 3.69
C PRO B 194 25.07 -12.67 3.59
N TYR B 195 25.01 -13.67 4.46
CA TYR B 195 25.95 -14.78 4.39
C TYR B 195 25.32 -16.01 5.04
N TRP B 196 25.82 -17.21 4.70
CA TRP B 196 25.32 -18.44 5.32
C TRP B 196 25.90 -18.69 6.72
N GLU B 197 25.03 -18.96 7.69
CA GLU B 197 25.48 -19.29 9.03
C GLU B 197 26.47 -20.46 8.98
N PRO B 198 27.70 -20.26 9.49
CA PRO B 198 28.67 -21.36 9.53
C PRO B 198 28.42 -22.40 10.64
N ASN B 199 27.81 -21.99 11.75
CA ASN B 199 27.64 -22.89 12.90
C ASN B 199 26.19 -23.29 13.17
N ASN B 200 25.56 -23.89 12.17
CA ASN B 200 24.20 -24.42 12.32
C ASN B 200 24.27 -25.83 12.89
N PRO B 201 23.77 -26.02 14.12
CA PRO B 201 23.75 -27.30 14.84
C PRO B 201 23.13 -28.41 14.01
N THR B 202 22.03 -28.08 13.32
CA THR B 202 21.42 -29.00 12.37
C THR B 202 22.17 -28.93 11.04
N GLY B 203 21.56 -29.42 9.96
CA GLY B 203 22.24 -29.42 8.66
C GLY B 203 21.79 -28.31 7.71
N LYS B 204 20.53 -27.91 7.84
CA LYS B 204 19.87 -27.02 6.89
C LYS B 204 20.61 -25.69 6.69
N PRO B 205 20.64 -25.19 5.44
CA PRO B 205 21.17 -23.86 5.23
C PRO B 205 20.37 -22.84 6.04
N HIS B 206 21.07 -21.97 6.77
CA HIS B 206 20.41 -20.86 7.46
C HIS B 206 21.08 -19.55 7.06
N LEU B 207 20.29 -18.62 6.53
CA LEU B 207 20.83 -17.35 6.05
C LEU B 207 20.83 -16.26 7.11
N VAL B 208 21.91 -15.49 7.16
CA VAL B 208 22.02 -14.35 8.03
C VAL B 208 21.91 -13.11 7.17
N ILE B 209 20.98 -12.21 7.53
CA ILE B 209 20.93 -10.91 6.89
C ILE B 209 21.18 -9.84 7.96
N PRO B 210 22.42 -9.35 8.03
CA PRO B 210 22.78 -8.43 9.10
C PRO B 210 21.87 -7.20 9.18
N TYR B 211 21.64 -6.76 10.41
CA TYR B 211 20.80 -5.60 10.67
C TYR B 211 21.73 -4.46 11.14
N THR B 212 21.21 -3.51 11.89
CA THR B 212 21.97 -2.29 12.17
C THR B 212 21.53 -1.66 13.46
N LEU B 213 22.50 -1.07 14.17
CA LEU B 213 22.22 -0.21 15.32
C LEU B 213 22.68 1.23 15.04
N ASP B 214 23.17 1.51 13.84
CA ASP B 214 23.63 2.89 13.53
C ASP B 214 22.72 3.66 12.55
N THR B 215 22.34 3.04 11.43
CA THR B 215 21.36 3.66 10.53
C THR B 215 19.98 3.28 11.03
N ASN B 216 19.67 3.78 12.21
CA ASN B 216 18.57 3.26 13.03
C ASN B 216 18.04 4.37 13.90
N ASP B 217 16.73 4.62 13.82
CA ASP B 217 16.18 5.78 14.52
C ASP B 217 16.21 5.64 16.07
N MET B 218 16.62 4.47 16.55
CA MET B 218 16.79 4.32 18.00
C MET B 218 17.74 5.40 18.52
N ARG B 219 18.67 5.82 17.66
CA ARG B 219 19.70 6.80 18.02
CA ARG B 219 19.69 6.75 18.13
C ARG B 219 19.10 8.12 18.46
N PHE B 220 17.84 8.37 18.12
CA PHE B 220 17.22 9.66 18.51
C PHE B 220 17.02 9.76 20.02
N THR B 221 17.03 8.61 20.69
CA THR B 221 16.72 8.58 22.12
C THR B 221 17.84 7.95 22.94
N GLN B 222 19.01 7.76 22.34
CA GLN B 222 20.16 7.23 23.08
C GLN B 222 21.13 8.32 23.45
N VAL B 223 22.03 8.00 24.38
CA VAL B 223 22.91 9.04 24.92
C VAL B 223 23.69 9.68 23.78
N GLN B 224 24.26 8.87 22.90
CA GLN B 224 24.89 9.43 21.72
C GLN B 224 23.88 9.23 20.59
N GLY B 225 23.45 10.36 20.00
CA GLY B 225 22.16 10.42 19.30
C GLY B 225 21.72 11.70 18.61
N PHE B 226 21.28 11.53 17.36
CA PHE B 226 20.84 12.62 16.50
C PHE B 226 20.01 13.65 17.29
N ASN B 227 20.31 14.96 17.13
CA ASN B 227 19.57 16.06 17.83
C ASN B 227 18.30 16.47 17.08
N LYS B 228 18.38 16.43 15.76
CA LYS B 228 17.31 16.88 14.89
C LYS B 228 17.21 15.89 13.74
N GLY B 229 16.06 15.89 13.07
CA GLY B 229 15.86 14.99 11.93
C GLY B 229 17.01 15.04 10.91
N ASP B 230 17.50 16.24 10.58
CA ASP B 230 18.56 16.41 9.58
C ASP B 230 19.78 15.57 9.86
N ASP B 231 20.07 15.34 11.14
CA ASP B 231 21.23 14.53 11.47
C ASP B 231 21.04 13.11 10.97
N PHE B 232 19.83 12.58 11.15
CA PHE B 232 19.47 11.25 10.68
C PHE B 232 19.49 11.21 9.15
N PHE B 233 18.90 12.22 8.51
CA PHE B 233 18.95 12.28 7.04
C PHE B 233 20.38 12.27 6.51
N GLU B 234 21.25 13.11 7.09
CA GLU B 234 22.64 13.20 6.62
C GLU B 234 23.38 11.90 6.84
N TYR B 235 23.07 11.23 7.93
CA TYR B 235 23.72 9.98 8.28
C TYR B 235 23.34 8.91 7.25
N LEU B 236 22.05 8.78 6.97
CA LEU B 236 21.56 7.85 5.95
C LEU B 236 22.05 8.21 4.55
N LYS B 237 22.03 9.50 4.22
CA LYS B 237 22.54 9.94 2.92
C LYS B 237 24.00 9.53 2.72
N ASP B 238 24.81 9.73 3.76
CA ASP B 238 26.23 9.37 3.66
C ASP B 238 26.41 7.87 3.44
N ALA B 239 25.70 7.07 4.24
CA ALA B 239 25.74 5.61 4.08
C ALA B 239 25.37 5.24 2.64
N PHE B 240 24.27 5.81 2.14
CA PHE B 240 23.82 5.56 0.76
C PHE B 240 24.89 5.93 -0.26
N ASP B 241 25.41 7.15 -0.17
CA ASP B 241 26.44 7.63 -1.11
C ASP B 241 27.65 6.71 -1.19
N VAL B 242 28.14 6.28 -0.02
CA VAL B 242 29.36 5.48 0.02
C VAL B 242 29.09 4.11 -0.59
N LEU B 243 28.02 3.46 -0.13
CA LEU B 243 27.66 2.15 -0.69
C LEU B 243 27.30 2.22 -2.19
N TYR B 244 26.57 3.25 -2.58
CA TYR B 244 26.16 3.39 -3.99
C TYR B 244 27.41 3.52 -4.88
N ALA B 245 28.38 4.31 -4.41
CA ALA B 245 29.67 4.43 -5.09
C ALA B 245 30.38 3.09 -5.23
N GLU B 246 30.43 2.33 -4.14
CA GLU B 246 31.09 1.03 -4.15
C GLU B 246 30.40 0.08 -5.10
N GLY B 247 29.09 0.30 -5.28
CA GLY B 247 28.24 -0.47 -6.20
C GLY B 247 28.65 -0.40 -7.66
N ALA B 248 29.57 0.50 -8.01
CA ALA B 248 30.17 0.51 -9.36
C ALA B 248 30.88 -0.83 -9.66
N GLU B 249 31.37 -1.48 -8.61
CA GLU B 249 32.09 -2.76 -8.74
C GLU B 249 31.56 -3.83 -7.77
N ALA B 250 31.03 -3.39 -6.63
CA ALA B 250 30.66 -4.34 -5.58
C ALA B 250 29.40 -3.88 -4.80
N PRO B 251 28.22 -4.12 -5.37
CA PRO B 251 27.00 -3.70 -4.65
C PRO B 251 26.81 -4.41 -3.30
N LYS B 252 26.20 -3.69 -2.37
CA LYS B 252 26.01 -4.16 -1.00
C LYS B 252 24.56 -3.82 -0.62
N MET B 253 24.22 -3.97 0.64
CA MET B 253 22.89 -3.58 1.10
C MET B 253 22.98 -2.65 2.31
N LEU B 254 21.89 -1.93 2.56
CA LEU B 254 21.80 -1.05 3.70
C LEU B 254 20.45 -1.25 4.34
N SER B 255 20.44 -1.43 5.66
CA SER B 255 19.22 -1.56 6.44
C SER B 255 18.94 -0.21 7.09
N ILE B 256 17.66 0.15 7.13
CA ILE B 256 17.24 1.36 7.84
C ILE B 256 16.22 0.94 8.88
N GLY B 257 16.57 1.06 10.16
CA GLY B 257 15.71 0.57 11.23
C GLY B 257 14.87 1.69 11.80
N LEU B 258 13.59 1.40 11.99
CA LEU B 258 12.61 2.43 12.36
C LEU B 258 11.69 1.93 13.49
N HIS B 259 11.23 2.83 14.34
CA HIS B 259 10.29 2.47 15.41
C HIS B 259 9.06 3.38 15.39
N CYS B 260 7.89 2.83 15.66
CA CYS B 260 6.67 3.62 15.49
C CYS B 260 6.64 4.84 16.40
N ARG B 261 7.04 4.64 17.66
CA ARG B 261 7.01 5.69 18.68
C ARG B 261 8.12 6.72 18.47
N LEU B 262 9.09 6.41 17.63
CA LEU B 262 10.22 7.32 17.45
C LEU B 262 10.09 8.09 16.13
N ILE B 263 10.30 7.41 14.99
CA ILE B 263 10.18 8.11 13.70
C ILE B 263 8.75 8.54 13.38
N GLY B 264 7.77 7.94 14.07
CA GLY B 264 6.37 8.31 13.93
C GLY B 264 6.05 9.70 14.46
N ARG B 265 6.92 10.28 15.29
CA ARG B 265 6.74 11.69 15.67
C ARG B 265 6.94 12.58 14.44
N PRO B 266 6.03 13.55 14.23
CA PRO B 266 6.19 14.44 13.08
C PRO B 266 7.55 15.15 12.98
N ALA B 267 8.17 15.49 14.12
CA ALA B 267 9.46 16.16 14.09
C ALA B 267 10.53 15.31 13.41
N ARG B 268 10.34 14.00 13.46
CA ARG B 268 11.35 13.06 12.93
C ARG B 268 10.96 12.51 11.56
N LEU B 269 9.66 12.40 11.29
CA LEU B 269 9.22 11.81 10.02
C LEU B 269 9.72 12.60 8.83
N ALA B 270 9.73 13.94 8.93
CA ALA B 270 10.21 14.79 7.84
C ALA B 270 11.55 14.31 7.24
N ALA B 271 12.49 13.95 8.12
CA ALA B 271 13.82 13.54 7.64
C ALA B 271 13.76 12.23 6.89
N LEU B 272 12.94 11.30 7.37
CA LEU B 272 12.77 10.02 6.69
C LEU B 272 12.24 10.25 5.29
N GLN B 273 11.26 11.16 5.15
CA GLN B 273 10.73 11.49 3.81
C GLN B 273 11.82 12.05 2.92
N ARG B 274 12.64 12.95 3.45
CA ARG B 274 13.73 13.51 2.66
C ARG B 274 14.67 12.37 2.23
N PHE B 275 14.93 11.40 3.11
CA PHE B 275 15.84 10.33 2.68
C PHE B 275 15.21 9.45 1.61
N ILE B 276 13.93 9.14 1.78
CA ILE B 276 13.24 8.33 0.76
C ILE B 276 13.29 9.06 -0.59
N GLU B 277 12.96 10.35 -0.61
CA GLU B 277 13.08 11.15 -1.83
C GLU B 277 14.49 11.13 -2.46
N TYR B 278 15.52 11.18 -1.61
CA TYR B 278 16.87 11.16 -2.12
C TYR B 278 17.19 9.82 -2.79
N ALA B 279 16.88 8.72 -2.10
CA ALA B 279 17.08 7.38 -2.62
C ALA B 279 16.28 7.18 -3.91
N LYS B 280 15.04 7.66 -3.94
CA LYS B 280 14.22 7.52 -5.15
C LYS B 280 14.75 8.30 -6.36
N SER B 281 15.60 9.29 -6.11
CA SER B 281 16.14 10.13 -7.19
C SER B 281 17.31 9.46 -7.93
N HIS B 282 17.76 8.32 -7.43
CA HIS B 282 18.82 7.54 -8.09
C HIS B 282 18.27 6.36 -8.88
N GLU B 283 18.90 6.08 -10.02
CA GLU B 283 18.63 4.83 -10.72
C GLU B 283 19.30 3.65 -10.02
N GLN B 284 18.87 2.44 -10.34
CA GLN B 284 19.51 1.23 -9.86
C GLN B 284 19.55 1.09 -8.34
N VAL B 285 18.41 1.32 -7.71
CA VAL B 285 18.20 1.04 -6.29
C VAL B 285 17.12 -0.02 -6.14
N TRP B 286 17.41 -1.08 -5.41
CA TRP B 286 16.42 -2.11 -5.10
C TRP B 286 15.79 -1.87 -3.74
N PHE B 287 14.53 -1.41 -3.75
CA PHE B 287 13.77 -1.25 -2.50
C PHE B 287 13.06 -2.57 -2.25
N THR B 288 13.46 -3.27 -1.20
CA THR B 288 13.03 -4.64 -1.03
C THR B 288 12.70 -5.01 0.42
N ARG B 289 12.15 -6.22 0.58
CA ARG B 289 11.86 -6.81 1.88
C ARG B 289 12.96 -7.84 2.17
N ARG B 290 13.10 -8.19 3.44
CA ARG B 290 14.18 -9.10 3.82
C ARG B 290 13.99 -10.53 3.31
N VAL B 291 12.75 -10.99 3.23
CA VAL B 291 12.52 -12.33 2.68
C VAL B 291 12.86 -12.38 1.18
N ASP B 292 12.68 -11.26 0.49
CA ASP B 292 13.03 -11.19 -0.93
C ASP B 292 14.54 -11.33 -1.08
N ILE B 293 15.29 -10.65 -0.21
CA ILE B 293 16.75 -10.82 -0.20
C ILE B 293 17.13 -12.27 0.08
N ALA B 294 16.44 -12.89 1.02
CA ALA B 294 16.72 -14.28 1.39
C ALA B 294 16.51 -15.23 0.21
N ARG B 295 15.39 -15.08 -0.49
CA ARG B 295 15.09 -15.92 -1.63
C ARG B 295 16.09 -15.66 -2.76
N HIS B 296 16.42 -14.39 -2.99
CA HIS B 296 17.41 -14.03 -3.99
C HIS B 296 18.76 -14.66 -3.72
N TRP B 297 19.15 -14.72 -2.45
CA TRP B 297 20.43 -15.33 -2.05
C TRP B 297 20.43 -16.85 -2.30
N HIS B 298 19.33 -17.51 -1.94
CA HIS B 298 19.17 -18.94 -2.19
C HIS B 298 19.33 -19.24 -3.68
N ALA B 299 18.85 -18.34 -4.53
CA ALA B 299 18.90 -18.52 -5.98
C ALA B 299 20.30 -18.26 -6.56
N THR B 300 20.94 -17.22 -6.05
CA THR B 300 22.13 -16.64 -6.67
C THR B 300 23.43 -17.13 -6.03
N HIS B 301 23.39 -17.35 -4.73
CA HIS B 301 24.56 -17.80 -3.98
C HIS B 301 24.17 -18.93 -3.01
N PRO B 302 23.72 -20.07 -3.55
CA PRO B 302 23.24 -21.17 -2.71
C PRO B 302 24.31 -21.72 -1.76
N TYR B 303 23.88 -22.24 -0.63
CA TYR B 303 24.78 -22.83 0.35
C TYR B 303 25.53 -23.99 -0.30
N THR B 304 26.84 -24.04 -0.07
CA THR B 304 27.68 -25.09 -0.67
C THR B 304 28.60 -25.73 0.38
#